data_1D6E
#
_entry.id   1D6E
#
_cell.length_a   80.827
_cell.length_b   102.335
_cell.length_c   102.638
_cell.angle_alpha   90.00
_cell.angle_beta   90.00
_cell.angle_gamma   90.00
#
_symmetry.space_group_name_H-M   'P 21 21 21'
#
loop_
_entity.id
_entity.type
_entity.pdbx_description
1 polymer 'HLA CLASS II HISTOCOMPATIBILITY ANTIGEN'
2 polymer 'HLA CLASS II HISTOCOMPATIBILITY ANTIGEN'
3 polymer 'ENTEROTOXIN TYPE B'
4 polymer 'PEPTIDOMIMETIC INHIBITOR'
5 water water
#
loop_
_entity_poly.entity_id
_entity_poly.type
_entity_poly.pdbx_seq_one_letter_code
_entity_poly.pdbx_strand_id
1 'polypeptide(L)'
;IKEEHVIIQAEFYLNPDQSGEFMFDFDGDEIFHVDMAKKETVWRLEEFGRFASFEAQGALANIAVDKANLEIMTKRSNYT
PITNVPPEVTVLTNSPVELREPNVLICFIDKFTPPVVNVTWLRNGKPVTTGVSETVFLPREDHLFRKFHYLPFLPSTEDV
YDCRVEHWGLDEPLLKHWEFD
;
A
2 'polypeptide(L)'
;GDTRPRFLEQVKHECHFFNGTERVRFLDRYFYHQEEYVRFDSDVGEYRAVTELGRPDAEYWNSQKDLLEQKRAAVDTYCR
HNYGVGESFTVQRRVYPEVTVYPAKTQPLQHHNLLVCSVNGFYPGSIEVRWFRNGQEEKTGVVSTGLIQNGDWTFQTLVM
LETVPRSGEVYTCQVEHPSLTSPLTVEWRARS
;
B
3 'polypeptide(L)'
;ESQPDPKPDELHKSSKFTGLMENMKVLYDDNHVSAINVKSIDQFLYFDLIYSIKDTKLGNYDNVRVEFKNKDLADKYKDK
YVDVFGANYYYQCYFSKKTNDINSHQTDKRKTCMYGGVTEHNGNQLDKYRSITVRVFEDGKNLLSFDVQTNKKKVTAQEL
DYLTRHYLVKNKKLYEFNNSPYETGYIKFIENENSFWYDMMPAPGDKFDQSKYLMMYNDNKMVDSKDVKIEVYLTTKKK
;
C
4 'polypeptide(L)' (ACE)(ALC)R(MPQ)MAS(TBG)(NH2) D
#
loop_
_chem_comp.id
_chem_comp.type
_chem_comp.name
_chem_comp.formula
ACE non-polymer 'ACETYL GROUP' 'C2 H4 O'
NH2 non-polymer 'AMINO GROUP' 'H2 N'
#
# COMPACT_ATOMS: atom_id res chain seq x y z
N GLU A 4 2.56 -27.31 -5.03
CA GLU A 4 1.64 -26.64 -5.99
C GLU A 4 1.56 -25.14 -5.73
N HIS A 5 0.53 -24.71 -5.00
CA HIS A 5 0.43 -23.28 -4.75
C HIS A 5 0.24 -22.78 -3.33
N VAL A 6 0.70 -21.55 -3.11
CA VAL A 6 0.61 -20.91 -1.81
C VAL A 6 0.19 -19.44 -1.95
N ILE A 7 -0.77 -19.03 -1.15
CA ILE A 7 -1.19 -17.64 -1.15
C ILE A 7 -0.87 -17.15 0.25
N ILE A 8 -0.11 -16.06 0.34
CA ILE A 8 0.24 -15.51 1.64
C ILE A 8 -0.14 -14.04 1.82
N GLN A 9 -0.79 -13.75 2.94
CA GLN A 9 -1.15 -12.39 3.27
C GLN A 9 -0.03 -12.04 4.25
N ALA A 10 0.94 -11.24 3.81
CA ALA A 10 2.07 -10.89 4.67
C ALA A 10 1.99 -9.48 5.23
N GLU A 11 2.34 -9.34 6.49
CA GLU A 11 2.30 -8.04 7.16
C GLU A 11 3.53 -7.88 8.05
N PHE A 12 3.84 -6.63 8.37
CA PHE A 12 4.95 -6.31 9.27
C PHE A 12 4.84 -4.86 9.74
N TYR A 13 5.30 -4.59 10.96
CA TYR A 13 5.30 -3.25 11.49
C TYR A 13 6.71 -3.05 12.03
N LEU A 14 7.27 -1.87 11.84
CA LEU A 14 8.63 -1.63 12.29
C LEU A 14 8.79 -0.43 13.21
N ASN A 15 9.45 -0.63 14.34
CA ASN A 15 9.72 0.47 15.28
C ASN A 15 11.22 0.71 15.21
N PRO A 16 11.66 1.96 15.41
CA PRO A 16 10.85 3.15 15.69
C PRO A 16 10.42 3.91 14.42
N ASP A 17 10.61 3.32 13.26
CA ASP A 17 10.25 3.99 12.02
C ASP A 17 8.76 4.26 11.93
N GLN A 18 7.97 3.40 12.58
CA GLN A 18 6.52 3.53 12.60
C GLN A 18 5.93 3.40 11.20
N SER A 19 6.36 2.35 10.51
CA SER A 19 5.89 2.10 9.16
C SER A 19 5.53 0.63 9.10
N GLY A 20 4.63 0.30 8.18
CA GLY A 20 4.22 -1.08 8.04
C GLY A 20 4.00 -1.41 6.59
N GLU A 21 3.61 -2.65 6.35
CA GLU A 21 3.35 -3.08 5.00
C GLU A 21 2.29 -4.17 5.09
N PHE A 22 1.46 -4.27 4.06
CA PHE A 22 0.41 -5.27 4.02
C PHE A 22 0.36 -5.71 2.57
N MET A 23 0.59 -7.00 2.31
CA MET A 23 0.56 -7.47 0.94
C MET A 23 0.12 -8.92 0.78
N PHE A 24 -0.25 -9.28 -0.44
CA PHE A 24 -0.66 -10.62 -0.77
C PHE A 24 0.38 -11.16 -1.74
N ASP A 25 0.82 -12.39 -1.50
CA ASP A 25 1.83 -13.06 -2.29
C ASP A 25 1.27 -14.37 -2.86
N PHE A 26 1.58 -14.65 -4.12
CA PHE A 26 1.15 -15.90 -4.77
C PHE A 26 2.39 -16.54 -5.37
N ASP A 27 2.80 -17.68 -4.81
CA ASP A 27 3.97 -18.40 -5.29
C ASP A 27 5.21 -17.53 -5.45
N GLY A 28 5.40 -16.56 -4.56
CA GLY A 28 6.57 -15.70 -4.64
C GLY A 28 6.37 -14.37 -5.35
N ASP A 29 5.22 -14.18 -5.97
CA ASP A 29 4.98 -12.90 -6.64
C ASP A 29 3.94 -12.09 -5.89
N GLU A 30 4.14 -10.78 -5.89
CA GLU A 30 3.22 -9.88 -5.22
C GLU A 30 1.95 -9.69 -6.04
N ILE A 31 0.80 -9.95 -5.44
CA ILE A 31 -0.45 -9.71 -6.15
C ILE A 31 -0.72 -8.20 -5.99
N PHE A 32 -0.60 -7.72 -4.76
CA PHE A 32 -0.81 -6.31 -4.49
C PHE A 32 -0.34 -5.97 -3.08
N HIS A 33 -0.29 -4.69 -2.77
CA HIS A 33 0.05 -4.25 -1.42
C HIS A 33 -0.84 -3.02 -1.19
N VAL A 34 -1.00 -2.65 0.07
CA VAL A 34 -1.85 -1.51 0.42
C VAL A 34 -1.06 -0.27 0.73
N ASP A 35 -1.43 0.84 0.08
CA ASP A 35 -0.78 2.11 0.37
C ASP A 35 -1.57 2.66 1.56
N MET A 36 -0.96 2.65 2.73
CA MET A 36 -1.64 3.11 3.93
C MET A 36 -1.93 4.58 4.08
N ALA A 37 -1.31 5.42 3.25
CA ALA A 37 -1.57 6.86 3.34
C ALA A 37 -2.74 7.21 2.42
N LYS A 38 -2.76 6.63 1.22
CA LYS A 38 -3.86 6.90 0.29
C LYS A 38 -5.02 5.96 0.55
N LYS A 39 -4.76 4.94 1.36
CA LYS A 39 -5.77 3.96 1.70
C LYS A 39 -6.38 3.30 0.46
N GLU A 40 -5.52 2.85 -0.43
CA GLU A 40 -6.01 2.16 -1.62
C GLU A 40 -5.15 0.97 -1.99
N THR A 41 -5.74 0.07 -2.76
CA THR A 41 -5.08 -1.16 -3.21
C THR A 41 -4.21 -0.92 -4.44
N VAL A 42 -2.93 -1.28 -4.35
CA VAL A 42 -2.00 -1.11 -5.46
C VAL A 42 -1.71 -2.48 -6.06
N TRP A 43 -2.24 -2.77 -7.24
CA TRP A 43 -1.99 -4.06 -7.87
C TRP A 43 -0.63 -4.09 -8.55
N ARG A 44 0.04 -5.23 -8.47
CA ARG A 44 1.36 -5.36 -9.08
C ARG A 44 1.28 -5.13 -10.58
N LEU A 45 0.22 -5.66 -11.17
CA LEU A 45 -0.03 -5.49 -12.61
C LEU A 45 -1.42 -4.86 -12.67
N GLU A 46 -1.58 -3.85 -13.51
CA GLU A 46 -2.86 -3.16 -13.63
C GLU A 46 -4.05 -4.08 -13.86
N GLU A 47 -3.93 -4.96 -14.85
CA GLU A 47 -5.03 -5.85 -15.17
C GLU A 47 -5.61 -6.63 -14.00
N PHE A 48 -4.82 -6.89 -12.97
CA PHE A 48 -5.32 -7.64 -11.83
C PHE A 48 -6.55 -6.92 -11.25
N GLY A 49 -6.50 -5.60 -11.30
CA GLY A 49 -7.58 -4.79 -10.77
C GLY A 49 -8.91 -4.98 -11.45
N ARG A 50 -8.91 -5.43 -12.71
CA ARG A 50 -10.16 -5.64 -13.43
C ARG A 50 -10.83 -6.98 -13.13
N PHE A 51 -10.16 -7.84 -12.36
CA PHE A 51 -10.73 -9.15 -12.06
C PHE A 51 -11.11 -9.33 -10.61
N ALA A 52 -10.47 -8.56 -9.73
CA ALA A 52 -10.77 -8.70 -8.32
C ALA A 52 -10.77 -7.35 -7.61
N SER A 53 -11.18 -7.38 -6.35
CA SER A 53 -11.24 -6.17 -5.55
C SER A 53 -10.77 -6.50 -4.15
N PHE A 54 -10.40 -5.46 -3.42
CA PHE A 54 -9.95 -5.59 -2.06
C PHE A 54 -10.21 -4.30 -1.30
N GLU A 55 -10.79 -4.43 -0.10
CA GLU A 55 -11.08 -3.27 0.73
C GLU A 55 -9.82 -2.90 1.46
N ALA A 56 -9.06 -1.97 0.89
CA ALA A 56 -7.79 -1.53 1.46
C ALA A 56 -7.81 -1.07 2.92
N GLN A 57 -8.87 -0.36 3.31
CA GLN A 57 -8.97 0.11 4.67
C GLN A 57 -8.89 -1.00 5.71
N GLY A 58 -9.31 -2.20 5.34
CA GLY A 58 -9.27 -3.30 6.28
C GLY A 58 -7.85 -3.61 6.75
N ALA A 59 -6.88 -3.31 5.89
CA ALA A 59 -5.48 -3.57 6.21
C ALA A 59 -5.03 -2.81 7.47
N LEU A 60 -5.47 -1.57 7.61
CA LEU A 60 -5.09 -0.77 8.76
C LEU A 60 -5.46 -1.39 10.09
N ALA A 61 -6.59 -2.10 10.13
CA ALA A 61 -6.99 -2.75 11.37
C ALA A 61 -5.93 -3.79 11.77
N ASN A 62 -5.44 -4.53 10.80
CA ASN A 62 -4.44 -5.55 11.06
C ASN A 62 -3.11 -4.94 11.47
N ILE A 63 -2.71 -3.87 10.81
CA ILE A 63 -1.47 -3.18 11.12
C ILE A 63 -1.48 -2.60 12.54
N ALA A 64 -2.62 -2.05 12.98
CA ALA A 64 -2.71 -1.48 14.33
C ALA A 64 -2.50 -2.59 15.35
N VAL A 65 -3.10 -3.75 15.10
CA VAL A 65 -2.97 -4.90 15.98
C VAL A 65 -1.54 -5.38 15.95
N ASP A 66 -0.90 -5.33 14.79
CA ASP A 66 0.50 -5.76 14.67
C ASP A 66 1.44 -4.91 15.53
N LYS A 67 1.20 -3.60 15.56
CA LYS A 67 2.01 -2.70 16.35
C LYS A 67 1.82 -3.01 17.83
N ALA A 68 0.59 -3.32 18.20
CA ALA A 68 0.24 -3.65 19.58
C ALA A 68 0.98 -4.90 20.04
N ASN A 69 1.05 -5.92 19.18
CA ASN A 69 1.76 -7.15 19.52
C ASN A 69 3.25 -6.88 19.59
N LEU A 70 3.73 -5.97 18.74
CA LEU A 70 5.16 -5.63 18.72
C LEU A 70 5.55 -4.98 20.04
N GLU A 71 4.72 -4.08 20.52
CA GLU A 71 4.96 -3.39 21.78
C GLU A 71 5.13 -4.44 22.88
N ILE A 72 4.22 -5.40 22.88
CA ILE A 72 4.21 -6.47 23.89
C ILE A 72 5.41 -7.40 23.77
N MET A 73 5.76 -7.79 22.54
CA MET A 73 6.91 -8.68 22.34
C MET A 73 8.23 -7.97 22.63
N THR A 74 8.26 -6.66 22.40
CA THR A 74 9.46 -5.88 22.66
C THR A 74 9.79 -5.98 24.15
N LYS A 75 8.77 -5.88 24.99
CA LYS A 75 8.96 -5.98 26.43
C LYS A 75 9.26 -7.41 26.88
N ARG A 76 8.45 -8.38 26.47
CA ARG A 76 8.68 -9.76 26.87
C ARG A 76 10.11 -10.20 26.61
N SER A 77 10.65 -9.85 25.44
CA SER A 77 12.00 -10.23 25.07
C SER A 77 13.07 -9.42 25.80
N ASN A 78 12.64 -8.49 26.64
CA ASN A 78 13.56 -7.63 27.38
C ASN A 78 14.29 -6.76 26.37
N TYR A 79 13.51 -6.04 25.57
CA TYR A 79 14.01 -5.14 24.54
C TYR A 79 15.18 -5.62 23.67
N THR A 80 15.10 -6.86 23.22
CA THR A 80 16.15 -7.44 22.36
C THR A 80 15.86 -6.91 20.96
N PRO A 81 16.82 -6.20 20.36
CA PRO A 81 16.61 -5.65 19.02
C PRO A 81 16.93 -6.67 17.91
N ILE A 82 16.61 -6.31 16.68
CA ILE A 82 16.84 -7.17 15.53
C ILE A 82 18.31 -7.18 15.09
N THR A 83 18.77 -8.34 14.62
CA THR A 83 20.13 -8.51 14.15
C THR A 83 20.21 -8.25 12.64
N ASN A 84 21.02 -7.28 12.25
CA ASN A 84 21.16 -6.91 10.85
C ASN A 84 21.77 -7.99 9.97
N VAL A 85 21.12 -8.26 8.86
CA VAL A 85 21.60 -9.25 7.90
C VAL A 85 21.72 -8.50 6.57
N PRO A 86 22.97 -8.33 6.10
CA PRO A 86 23.26 -7.62 4.84
C PRO A 86 22.72 -8.36 3.63
N PRO A 87 22.22 -7.62 2.63
CA PRO A 87 21.66 -8.21 1.41
C PRO A 87 22.72 -8.54 0.36
N GLU A 88 22.47 -9.56 -0.44
CA GLU A 88 23.38 -9.85 -1.53
C GLU A 88 22.66 -9.22 -2.71
N VAL A 89 23.42 -8.49 -3.52
CA VAL A 89 22.87 -7.78 -4.67
C VAL A 89 23.30 -8.36 -6.01
N THR A 90 22.36 -8.47 -6.93
CA THR A 90 22.63 -8.98 -8.25
C THR A 90 22.05 -8.02 -9.28
N VAL A 91 22.81 -7.70 -10.32
CA VAL A 91 22.31 -6.83 -11.36
C VAL A 91 22.23 -7.67 -12.65
N LEU A 92 21.09 -7.63 -13.32
CA LEU A 92 20.94 -8.41 -14.53
C LEU A 92 20.00 -7.69 -15.45
N THR A 93 19.81 -8.21 -16.66
CA THR A 93 18.91 -7.55 -17.59
C THR A 93 17.65 -8.34 -17.81
N ASN A 94 16.61 -7.66 -18.26
CA ASN A 94 15.31 -8.27 -18.53
C ASN A 94 15.39 -9.27 -19.72
N SER A 95 16.14 -8.91 -20.74
CA SER A 95 16.29 -9.77 -21.91
C SER A 95 17.70 -9.67 -22.45
N PRO A 96 18.04 -10.46 -23.48
CA PRO A 96 19.39 -10.40 -24.05
C PRO A 96 19.67 -8.97 -24.50
N VAL A 97 20.90 -8.51 -24.30
CA VAL A 97 21.28 -7.16 -24.68
C VAL A 97 21.63 -7.01 -26.15
N GLU A 98 21.18 -5.91 -26.74
CA GLU A 98 21.46 -5.58 -28.14
C GLU A 98 21.49 -4.06 -28.24
N LEU A 99 22.54 -3.51 -28.83
CA LEU A 99 22.68 -2.07 -28.95
C LEU A 99 21.42 -1.39 -29.48
N ARG A 100 21.08 -0.27 -28.85
CA ARG A 100 19.91 0.51 -29.24
C ARG A 100 18.55 -0.18 -29.11
N GLU A 101 18.51 -1.34 -28.46
CA GLU A 101 17.22 -2.02 -28.29
C GLU A 101 16.82 -1.90 -26.83
N PRO A 102 15.64 -1.32 -26.56
CA PRO A 102 15.13 -1.14 -25.20
C PRO A 102 15.27 -2.37 -24.33
N ASN A 103 15.71 -2.17 -23.10
CA ASN A 103 15.88 -3.27 -22.17
C ASN A 103 15.66 -2.73 -20.76
N VAL A 104 15.70 -3.62 -19.78
CA VAL A 104 15.56 -3.19 -18.40
C VAL A 104 16.63 -3.78 -17.50
N LEU A 105 17.27 -2.92 -16.72
CA LEU A 105 18.28 -3.35 -15.76
C LEU A 105 17.51 -3.64 -14.47
N ILE A 106 17.80 -4.79 -13.90
CA ILE A 106 17.14 -5.20 -12.67
C ILE A 106 18.15 -5.31 -11.55
N CYS A 107 17.91 -4.58 -10.48
CA CYS A 107 18.80 -4.66 -9.33
C CYS A 107 18.03 -5.47 -8.31
N PHE A 108 18.48 -6.69 -8.07
CA PHE A 108 17.85 -7.62 -7.15
C PHE A 108 18.55 -7.62 -5.77
N ILE A 109 17.84 -7.16 -4.75
CA ILE A 109 18.39 -7.10 -3.39
C ILE A 109 17.75 -8.27 -2.62
N ASP A 110 18.57 -9.20 -2.14
CA ASP A 110 18.04 -10.41 -1.47
C ASP A 110 18.59 -10.75 -0.08
N LYS A 111 17.86 -11.58 0.66
CA LYS A 111 18.23 -12.03 2.02
C LYS A 111 18.66 -10.95 2.99
N PHE A 112 17.74 -10.10 3.43
CA PHE A 112 18.13 -9.05 4.35
C PHE A 112 17.03 -8.62 5.30
N THR A 113 17.43 -7.98 6.40
CA THR A 113 16.53 -7.44 7.44
C THR A 113 17.36 -6.48 8.27
N PRO A 114 16.73 -5.43 8.83
CA PRO A 114 15.31 -5.10 8.72
C PRO A 114 14.91 -4.60 7.32
N PRO A 115 13.60 -4.52 7.05
CA PRO A 115 13.11 -4.05 5.75
C PRO A 115 13.29 -2.54 5.52
N VAL A 116 14.55 -2.13 5.37
CA VAL A 116 14.88 -0.73 5.12
C VAL A 116 16.14 -0.74 4.24
N VAL A 117 16.07 -0.04 3.11
CA VAL A 117 17.21 0.02 2.20
C VAL A 117 17.16 1.29 1.37
N ASN A 118 18.34 1.75 0.97
CA ASN A 118 18.45 2.92 0.12
C ASN A 118 19.05 2.37 -1.15
N VAL A 119 18.31 2.47 -2.25
CA VAL A 119 18.81 1.98 -3.51
C VAL A 119 18.92 3.15 -4.49
N THR A 120 20.07 3.27 -5.13
CA THR A 120 20.29 4.35 -6.08
C THR A 120 20.96 3.83 -7.34
N TRP A 121 20.42 4.23 -8.50
CA TRP A 121 20.99 3.83 -9.77
C TRP A 121 21.99 4.90 -10.17
N LEU A 122 23.06 4.49 -10.84
CA LEU A 122 24.06 5.44 -11.29
C LEU A 122 24.45 5.13 -12.73
N ARG A 123 24.45 6.17 -13.56
CA ARG A 123 24.85 6.04 -14.95
C ARG A 123 26.13 6.87 -15.10
N ASN A 124 27.23 6.22 -15.41
CA ASN A 124 28.52 6.90 -15.54
C ASN A 124 28.84 7.69 -14.28
N GLY A 125 28.58 7.06 -13.13
CA GLY A 125 28.86 7.69 -11.85
C GLY A 125 27.85 8.69 -11.32
N LYS A 126 26.82 8.99 -12.10
CA LYS A 126 25.83 9.97 -11.66
C LYS A 126 24.42 9.40 -11.51
N PRO A 127 23.71 9.84 -10.46
CA PRO A 127 22.35 9.44 -10.10
C PRO A 127 21.30 9.51 -11.21
N VAL A 128 20.52 8.45 -11.32
CA VAL A 128 19.46 8.37 -12.31
C VAL A 128 18.17 8.15 -11.54
N THR A 129 17.17 8.98 -11.80
CA THR A 129 15.90 8.85 -11.08
C THR A 129 14.70 8.81 -12.02
N THR A 130 14.92 9.16 -13.28
CA THR A 130 13.84 9.17 -14.25
C THR A 130 13.59 7.80 -14.84
N GLY A 131 12.35 7.33 -14.72
CA GLY A 131 11.99 6.04 -15.29
C GLY A 131 12.13 4.87 -14.35
N VAL A 132 12.65 5.14 -13.15
CA VAL A 132 12.84 4.08 -12.17
C VAL A 132 11.56 3.68 -11.48
N SER A 133 11.50 2.41 -11.10
CA SER A 133 10.36 1.88 -10.37
C SER A 133 10.93 0.81 -9.46
N GLU A 134 10.14 0.40 -8.47
CA GLU A 134 10.62 -0.59 -7.53
C GLU A 134 9.45 -1.34 -6.93
N THR A 135 9.73 -2.48 -6.32
CA THR A 135 8.70 -3.26 -5.65
C THR A 135 8.81 -2.91 -4.17
N VAL A 136 7.84 -3.35 -3.38
CA VAL A 136 7.92 -3.10 -1.94
C VAL A 136 8.74 -4.27 -1.41
N PHE A 137 8.79 -4.44 -0.10
CA PHE A 137 9.55 -5.56 0.44
C PHE A 137 8.75 -6.87 0.32
N LEU A 138 9.36 -7.86 -0.31
CA LEU A 138 8.72 -9.15 -0.51
C LEU A 138 9.19 -10.16 0.54
N PRO A 139 8.27 -10.95 1.09
CA PRO A 139 8.69 -11.93 2.10
C PRO A 139 9.38 -13.16 1.52
N ARG A 140 10.25 -13.77 2.32
CA ARG A 140 10.98 -14.98 1.92
C ARG A 140 10.58 -16.05 2.93
N GLU A 141 10.83 -17.31 2.58
CA GLU A 141 10.46 -18.39 3.49
C GLU A 141 11.32 -18.45 4.76
N ASP A 142 12.47 -17.78 4.76
CA ASP A 142 13.33 -17.76 5.93
C ASP A 142 13.01 -16.49 6.67
N HIS A 143 11.98 -15.81 6.21
CA HIS A 143 11.49 -14.61 6.86
C HIS A 143 12.41 -13.39 6.84
N LEU A 144 13.22 -13.30 5.79
CA LEU A 144 14.09 -12.16 5.55
C LEU A 144 13.31 -11.55 4.39
N PHE A 145 13.91 -10.63 3.65
CA PHE A 145 13.17 -10.01 2.55
C PHE A 145 13.88 -9.94 1.19
N ARG A 146 13.11 -9.63 0.16
CA ARG A 146 13.59 -9.50 -1.23
C ARG A 146 13.08 -8.13 -1.67
N LYS A 147 13.63 -7.62 -2.77
CA LYS A 147 13.21 -6.34 -3.31
C LYS A 147 13.80 -6.15 -4.71
N PHE A 148 13.00 -5.62 -5.61
CA PHE A 148 13.44 -5.37 -6.98
C PHE A 148 13.38 -3.88 -7.35
N HIS A 149 14.42 -3.41 -8.03
CA HIS A 149 14.48 -2.03 -8.51
C HIS A 149 14.74 -2.11 -10.02
N TYR A 150 14.03 -1.29 -10.78
CA TYR A 150 14.18 -1.31 -12.24
C TYR A 150 14.63 -0.01 -12.88
N LEU A 151 15.37 -0.14 -13.98
CA LEU A 151 15.85 1.02 -14.72
C LEU A 151 15.77 0.73 -16.21
N PRO A 152 14.79 1.34 -16.89
CA PRO A 152 14.69 1.12 -18.34
C PRO A 152 15.89 1.81 -18.98
N PHE A 153 16.46 1.20 -20.00
CA PHE A 153 17.62 1.81 -20.63
C PHE A 153 17.83 1.33 -22.06
N LEU A 154 18.62 2.08 -22.80
CA LEU A 154 18.93 1.70 -24.16
C LEU A 154 20.39 1.31 -24.15
N PRO A 155 20.69 0.02 -24.37
CA PRO A 155 22.07 -0.47 -24.37
C PRO A 155 23.00 0.34 -25.27
N SER A 156 24.12 0.77 -24.69
CA SER A 156 25.13 1.57 -25.40
C SER A 156 26.52 1.16 -24.93
N THR A 157 27.49 1.26 -25.82
CA THR A 157 28.87 0.91 -25.48
C THR A 157 29.54 1.96 -24.60
N GLU A 158 29.03 3.18 -24.60
CA GLU A 158 29.63 4.23 -23.80
C GLU A 158 29.02 4.51 -22.43
N ASP A 159 28.08 3.67 -21.99
CA ASP A 159 27.49 3.87 -20.68
C ASP A 159 27.79 2.73 -19.74
N VAL A 160 27.96 3.06 -18.47
CA VAL A 160 28.21 2.04 -17.46
C VAL A 160 27.23 2.30 -16.32
N TYR A 161 26.73 1.23 -15.71
CA TYR A 161 25.78 1.39 -14.62
C TYR A 161 26.22 0.70 -13.34
N ASP A 162 25.70 1.20 -12.23
CA ASP A 162 25.98 0.67 -10.92
C ASP A 162 24.73 0.78 -10.08
N CYS A 163 24.43 -0.27 -9.32
CA CYS A 163 23.30 -0.23 -8.42
C CYS A 163 23.93 -0.07 -7.05
N ARG A 164 23.62 1.03 -6.39
CA ARG A 164 24.17 1.34 -5.09
C ARG A 164 23.18 1.02 -3.98
N VAL A 165 23.57 0.11 -3.08
CA VAL A 165 22.70 -0.30 -1.98
C VAL A 165 23.27 0.04 -0.61
N GLU A 166 22.43 0.66 0.21
CA GLU A 166 22.81 1.05 1.56
C GLU A 166 21.97 0.27 2.55
N HIS A 167 22.63 -0.35 3.53
CA HIS A 167 21.91 -1.13 4.54
C HIS A 167 22.75 -1.24 5.80
N TRP A 168 22.12 -1.05 6.96
CA TRP A 168 22.82 -1.09 8.25
C TRP A 168 23.58 -2.41 8.48
N GLY A 169 23.33 -3.41 7.65
CA GLY A 169 24.05 -4.66 7.82
C GLY A 169 25.39 -4.60 7.08
N LEU A 170 25.64 -3.49 6.41
CA LEU A 170 26.85 -3.28 5.65
C LEU A 170 27.67 -2.15 6.29
N ASP A 171 29.00 -2.32 6.35
CA ASP A 171 29.85 -1.28 6.92
C ASP A 171 29.87 -0.07 6.01
N GLU A 172 29.79 -0.32 4.71
CA GLU A 172 29.77 0.76 3.73
C GLU A 172 28.93 0.35 2.52
N PRO A 173 28.40 1.34 1.79
CA PRO A 173 27.57 1.13 0.59
C PRO A 173 28.12 0.07 -0.36
N LEU A 174 27.22 -0.76 -0.87
CA LEU A 174 27.60 -1.83 -1.79
C LEU A 174 27.31 -1.34 -3.21
N LEU A 175 28.20 -1.65 -4.14
CA LEU A 175 28.04 -1.23 -5.53
C LEU A 175 28.10 -2.41 -6.49
N LYS A 176 27.01 -2.64 -7.21
CA LYS A 176 26.98 -3.71 -8.19
C LYS A 176 27.03 -3.02 -9.54
N HIS A 177 28.04 -3.40 -10.31
CA HIS A 177 28.32 -2.81 -11.60
C HIS A 177 27.84 -3.59 -12.79
N TRP A 178 27.46 -2.88 -13.85
CA TRP A 178 27.03 -3.51 -15.09
C TRP A 178 27.46 -2.65 -16.26
N GLU A 179 27.90 -3.29 -17.32
CA GLU A 179 28.30 -2.58 -18.52
C GLU A 179 28.20 -3.53 -19.69
N PHE A 180 28.00 -2.97 -20.88
CA PHE A 180 27.84 -3.77 -22.09
C PHE A 180 29.11 -4.47 -22.59
N THR B 3 21.41 4.53 13.84
CA THR B 3 22.01 3.62 14.81
C THR B 3 20.99 3.03 15.77
N ARG B 4 19.86 3.72 15.94
CA ARG B 4 18.81 3.24 16.84
C ARG B 4 18.45 1.78 16.53
N PRO B 5 18.41 0.92 17.55
CA PRO B 5 18.07 -0.50 17.36
C PRO B 5 16.64 -0.69 16.86
N ARG B 6 16.44 -1.65 15.96
CA ARG B 6 15.10 -1.87 15.42
C ARG B 6 14.34 -3.05 15.97
N PHE B 7 13.02 -2.93 15.92
CA PHE B 7 12.11 -3.97 16.41
C PHE B 7 11.09 -4.21 15.31
N LEU B 8 10.96 -5.47 14.89
CA LEU B 8 10.08 -5.84 13.79
C LEU B 8 9.07 -6.89 14.18
N GLU B 9 7.82 -6.70 13.76
CA GLU B 9 6.77 -7.67 14.01
C GLU B 9 6.27 -8.08 12.63
N GLN B 10 6.23 -9.39 12.36
CA GLN B 10 5.75 -9.90 11.07
C GLN B 10 4.62 -10.85 11.34
N VAL B 11 3.68 -10.91 10.41
CA VAL B 11 2.54 -11.81 10.52
C VAL B 11 2.32 -12.40 9.14
N LYS B 12 2.17 -13.72 9.09
CA LYS B 12 1.93 -14.39 7.82
C LYS B 12 0.76 -15.38 7.91
N HIS B 13 -0.31 -15.07 7.17
CA HIS B 13 -1.48 -15.92 7.11
C HIS B 13 -1.31 -16.67 5.77
N GLU B 14 -0.96 -17.96 5.83
CA GLU B 14 -0.75 -18.70 4.61
C GLU B 14 -1.80 -19.76 4.31
N CYS B 15 -2.01 -19.98 3.02
CA CYS B 15 -2.93 -20.98 2.53
C CYS B 15 -2.12 -21.83 1.55
N HIS B 16 -1.98 -23.12 1.85
CA HIS B 16 -1.24 -24.04 0.98
C HIS B 16 -2.23 -24.93 0.29
N PHE B 17 -2.14 -24.98 -1.04
CA PHE B 17 -3.04 -25.78 -1.84
C PHE B 17 -2.38 -26.97 -2.51
N PHE B 18 -2.98 -28.13 -2.34
CA PHE B 18 -2.50 -29.36 -2.95
C PHE B 18 -3.60 -29.89 -3.86
N ASN B 19 -3.23 -30.21 -5.10
CA ASN B 19 -4.17 -30.71 -6.09
C ASN B 19 -5.39 -29.82 -6.16
N GLY B 20 -5.18 -28.57 -6.55
CA GLY B 20 -6.29 -27.63 -6.63
C GLY B 20 -6.71 -27.24 -5.24
N THR B 21 -7.98 -27.49 -4.90
CA THR B 21 -8.48 -27.15 -3.57
C THR B 21 -8.94 -28.38 -2.80
N GLU B 22 -8.49 -29.56 -3.21
CA GLU B 22 -8.88 -30.77 -2.52
C GLU B 22 -8.26 -30.85 -1.14
N ARG B 23 -6.97 -30.50 -1.04
CA ARG B 23 -6.29 -30.50 0.25
C ARG B 23 -5.77 -29.11 0.52
N VAL B 24 -6.28 -28.47 1.56
CA VAL B 24 -5.86 -27.12 1.91
C VAL B 24 -5.39 -27.06 3.35
N ARG B 25 -4.25 -26.43 3.56
CA ARG B 25 -3.67 -26.29 4.89
C ARG B 25 -3.48 -24.80 5.20
N PHE B 26 -4.06 -24.36 6.31
CA PHE B 26 -3.99 -22.97 6.73
C PHE B 26 -3.03 -22.77 7.90
N LEU B 27 -2.24 -21.70 7.84
CA LEU B 27 -1.28 -21.38 8.90
C LEU B 27 -1.37 -19.91 9.31
N ASP B 28 -1.53 -19.66 10.60
CA ASP B 28 -1.57 -18.30 11.14
C ASP B 28 -0.26 -18.15 11.92
N ARG B 29 0.71 -17.47 11.31
CA ARG B 29 2.02 -17.34 11.92
C ARG B 29 2.43 -15.94 12.39
N TYR B 30 3.05 -15.89 13.56
CA TYR B 30 3.50 -14.62 14.12
C TYR B 30 5.00 -14.67 14.39
N PHE B 31 5.69 -13.58 14.06
CA PHE B 31 7.14 -13.50 14.23
C PHE B 31 7.62 -12.22 14.91
N TYR B 32 8.68 -12.38 15.69
CA TYR B 32 9.32 -11.27 16.36
C TYR B 32 10.63 -11.29 15.61
N HIS B 33 10.85 -10.25 14.81
CA HIS B 33 12.04 -10.16 13.98
C HIS B 33 11.93 -11.24 12.92
N GLN B 34 12.74 -12.29 12.99
CA GLN B 34 12.62 -13.35 12.00
C GLN B 34 12.34 -14.67 12.72
N GLU B 35 11.96 -14.55 13.99
CA GLU B 35 11.65 -15.73 14.81
C GLU B 35 10.15 -15.98 15.00
N GLU B 36 9.68 -17.14 14.56
CA GLU B 36 8.27 -17.50 14.71
C GLU B 36 8.01 -17.96 16.16
N TYR B 37 7.13 -17.26 16.87
CA TYR B 37 6.85 -17.63 18.25
C TYR B 37 5.51 -18.33 18.50
N VAL B 38 4.51 -18.09 17.64
CA VAL B 38 3.20 -18.77 17.75
C VAL B 38 2.61 -18.98 16.38
N ARG B 39 1.83 -20.04 16.26
CA ARG B 39 1.22 -20.33 14.98
C ARG B 39 0.00 -21.17 15.19
N PHE B 40 -0.94 -21.02 14.27
CA PHE B 40 -2.15 -21.82 14.27
C PHE B 40 -2.02 -22.65 13.02
N ASP B 41 -2.27 -23.96 13.14
CA ASP B 41 -2.17 -24.87 12.03
C ASP B 41 -3.48 -25.65 11.90
N SER B 42 -4.04 -25.64 10.69
CA SER B 42 -5.31 -26.31 10.38
C SER B 42 -5.32 -27.76 10.83
N ASP B 43 -4.20 -28.44 10.62
CA ASP B 43 -4.08 -29.85 10.97
C ASP B 43 -3.90 -30.08 12.46
N VAL B 44 -3.92 -29.01 13.24
CA VAL B 44 -3.78 -29.10 14.68
C VAL B 44 -5.06 -28.59 15.37
N GLY B 45 -5.62 -27.51 14.83
CA GLY B 45 -6.85 -26.97 15.39
C GLY B 45 -6.71 -26.02 16.57
N GLU B 46 -5.47 -25.65 16.89
CA GLU B 46 -5.17 -24.75 18.01
C GLU B 46 -3.87 -23.99 17.83
N TYR B 47 -3.69 -22.95 18.64
CA TYR B 47 -2.47 -22.17 18.61
C TYR B 47 -1.45 -22.89 19.47
N ARG B 48 -0.25 -23.08 18.95
CA ARG B 48 0.82 -23.73 19.70
C ARG B 48 2.00 -22.77 19.70
N ALA B 49 2.62 -22.62 20.86
CA ALA B 49 3.78 -21.74 20.98
C ALA B 49 4.96 -22.42 20.32
N VAL B 50 5.63 -21.71 19.42
CA VAL B 50 6.80 -22.25 18.72
C VAL B 50 8.02 -22.07 19.63
N THR B 51 7.96 -21.04 20.46
CA THR B 51 9.01 -20.75 21.42
C THR B 51 8.34 -20.24 22.69
N GLU B 52 9.10 -20.17 23.78
CA GLU B 52 8.54 -19.73 25.04
C GLU B 52 7.87 -18.38 24.97
N LEU B 53 8.37 -17.48 24.13
CA LEU B 53 7.78 -16.15 24.01
C LEU B 53 6.32 -16.20 23.56
N GLY B 54 5.93 -17.30 22.91
CA GLY B 54 4.58 -17.43 22.43
C GLY B 54 3.61 -18.07 23.41
N ARG B 55 4.15 -18.73 24.44
CA ARG B 55 3.34 -19.40 25.44
C ARG B 55 2.12 -18.60 25.93
N PRO B 56 2.33 -17.37 26.43
CA PRO B 56 1.19 -16.57 26.92
C PRO B 56 0.11 -16.38 25.86
N ASP B 57 0.52 -16.21 24.60
CA ASP B 57 -0.45 -16.01 23.53
C ASP B 57 -1.25 -17.26 23.18
N ALA B 58 -0.56 -18.39 23.04
CA ALA B 58 -1.22 -19.64 22.70
C ALA B 58 -2.30 -19.99 23.73
N GLU B 59 -2.01 -19.76 25.01
CA GLU B 59 -2.95 -20.06 26.06
C GLU B 59 -4.13 -19.10 26.05
N TYR B 60 -3.83 -17.81 25.95
CA TYR B 60 -4.88 -16.80 25.94
C TYR B 60 -5.81 -16.90 24.74
N TRP B 61 -5.22 -17.02 23.55
CA TRP B 61 -6.02 -17.13 22.34
C TRP B 61 -6.85 -18.39 22.29
N ASN B 62 -6.30 -19.49 22.80
CA ASN B 62 -7.05 -20.75 22.79
C ASN B 62 -8.22 -20.72 23.76
N SER B 63 -8.18 -19.81 24.72
CA SER B 63 -9.25 -19.71 25.70
C SER B 63 -10.48 -19.07 25.04
N GLN B 64 -10.25 -18.31 23.98
CA GLN B 64 -11.32 -17.63 23.25
C GLN B 64 -11.93 -18.54 22.17
N LYS B 65 -13.04 -19.20 22.51
CA LYS B 65 -13.68 -20.11 21.58
C LYS B 65 -14.27 -19.39 20.36
N ASP B 66 -14.37 -18.08 20.45
CA ASP B 66 -14.91 -17.29 19.36
C ASP B 66 -13.93 -17.25 18.20
N LEU B 67 -12.67 -16.94 18.48
CA LEU B 67 -11.69 -16.87 17.40
C LEU B 67 -11.19 -18.22 16.91
N LEU B 68 -11.30 -19.25 17.75
CA LEU B 68 -10.86 -20.58 17.31
C LEU B 68 -11.82 -21.07 16.25
N GLU B 69 -13.08 -20.70 16.41
CA GLU B 69 -14.11 -21.08 15.46
C GLU B 69 -13.75 -20.44 14.12
N GLN B 70 -13.38 -19.16 14.16
CA GLN B 70 -12.99 -18.42 12.96
C GLN B 70 -11.80 -19.07 12.23
N LYS B 71 -10.73 -19.34 12.97
CA LYS B 71 -9.54 -19.97 12.39
C LYS B 71 -9.76 -21.39 11.87
N ARG B 72 -10.63 -22.15 12.55
CA ARG B 72 -10.93 -23.51 12.14
C ARG B 72 -11.75 -23.54 10.85
N ALA B 73 -12.35 -22.41 10.48
CA ALA B 73 -13.13 -22.37 9.24
C ALA B 73 -12.34 -21.68 8.11
N ALA B 74 -11.18 -21.14 8.44
CA ALA B 74 -10.33 -20.43 7.50
C ALA B 74 -10.04 -21.16 6.19
N VAL B 75 -9.85 -22.47 6.22
CA VAL B 75 -9.56 -23.22 5.01
C VAL B 75 -10.68 -23.00 3.98
N ASP B 76 -11.91 -22.86 4.46
CA ASP B 76 -13.03 -22.64 3.55
C ASP B 76 -13.33 -21.16 3.30
N THR B 77 -13.65 -20.45 4.38
CA THR B 77 -14.02 -19.04 4.28
C THR B 77 -12.90 -18.11 3.83
N TYR B 78 -11.66 -18.52 4.01
CA TYR B 78 -10.55 -17.66 3.65
C TYR B 78 -9.71 -18.22 2.50
N CYS B 79 -9.22 -19.44 2.68
CA CYS B 79 -8.37 -20.07 1.66
C CYS B 79 -9.09 -20.44 0.37
N ARG B 80 -10.10 -21.32 0.45
CA ARG B 80 -10.81 -21.74 -0.75
C ARG B 80 -11.55 -20.56 -1.40
N HIS B 81 -12.07 -19.65 -0.60
CA HIS B 81 -12.77 -18.52 -1.16
C HIS B 81 -11.82 -17.66 -2.00
N ASN B 82 -10.68 -17.29 -1.43
CA ASN B 82 -9.72 -16.44 -2.13
C ASN B 82 -9.13 -17.13 -3.36
N TYR B 83 -8.94 -18.44 -3.26
CA TYR B 83 -8.41 -19.20 -4.39
C TYR B 83 -9.33 -19.05 -5.61
N GLY B 84 -10.64 -19.15 -5.37
CA GLY B 84 -11.60 -19.03 -6.44
C GLY B 84 -11.60 -17.63 -7.07
N VAL B 85 -11.48 -16.62 -6.22
CA VAL B 85 -11.48 -15.26 -6.69
C VAL B 85 -10.26 -14.91 -7.53
N GLY B 86 -9.09 -15.44 -7.17
CA GLY B 86 -7.88 -15.08 -7.91
C GLY B 86 -7.38 -16.06 -8.96
N GLU B 87 -8.03 -17.21 -9.04
CA GLU B 87 -7.64 -18.25 -9.98
C GLU B 87 -7.43 -17.87 -11.43
N SER B 88 -8.36 -17.10 -11.99
CA SER B 88 -8.28 -16.73 -13.41
C SER B 88 -7.03 -15.96 -13.78
N PHE B 89 -6.50 -15.17 -12.85
CA PHE B 89 -5.31 -14.39 -13.18
C PHE B 89 -4.03 -14.79 -12.46
N THR B 90 -4.08 -15.83 -11.65
CA THR B 90 -2.89 -16.30 -10.96
C THR B 90 -2.58 -17.73 -11.41
N VAL B 91 -3.36 -18.67 -10.89
CA VAL B 91 -3.20 -20.08 -11.22
C VAL B 91 -3.24 -20.37 -12.73
N GLN B 92 -4.12 -19.66 -13.45
CA GLN B 92 -4.30 -19.83 -14.89
C GLN B 92 -3.52 -18.84 -15.76
N ARG B 93 -2.69 -18.01 -15.14
CA ARG B 93 -1.90 -17.05 -15.91
C ARG B 93 -0.95 -17.79 -16.85
N ARG B 94 -0.97 -17.42 -18.12
CA ARG B 94 -0.11 -18.05 -19.10
C ARG B 94 0.51 -17.02 -20.02
N VAL B 95 1.84 -16.87 -19.94
CA VAL B 95 2.57 -15.94 -20.81
C VAL B 95 3.64 -16.78 -21.51
N TYR B 96 3.60 -16.80 -22.83
CA TYR B 96 4.56 -17.60 -23.57
C TYR B 96 5.95 -17.00 -23.55
N PRO B 97 6.97 -17.83 -23.70
CA PRO B 97 8.33 -17.29 -23.67
C PRO B 97 8.88 -16.80 -25.00
N GLU B 98 9.93 -16.01 -24.91
CA GLU B 98 10.62 -15.48 -26.08
C GLU B 98 11.94 -16.25 -26.05
N VAL B 99 12.30 -16.87 -27.15
CA VAL B 99 13.52 -17.66 -27.20
C VAL B 99 14.53 -17.08 -28.16
N THR B 100 15.75 -16.87 -27.66
CA THR B 100 16.82 -16.30 -28.47
C THR B 100 18.09 -17.15 -28.43
N VAL B 101 18.65 -17.43 -29.59
CA VAL B 101 19.88 -18.20 -29.66
C VAL B 101 21.02 -17.35 -30.23
N TYR B 102 22.12 -17.25 -29.49
CA TYR B 102 23.24 -16.47 -29.97
C TYR B 102 24.54 -17.08 -29.46
N PRO B 103 25.61 -17.00 -30.28
CA PRO B 103 26.93 -17.55 -29.93
C PRO B 103 27.68 -16.71 -28.92
N ALA B 104 28.78 -17.25 -28.41
CA ALA B 104 29.63 -16.58 -27.42
C ALA B 104 28.82 -16.05 -26.25
N LEU B 114 30.73 -21.70 -27.75
CA LEU B 114 29.68 -21.70 -26.73
C LEU B 114 28.37 -21.09 -27.25
N LEU B 115 27.31 -21.89 -27.26
CA LEU B 115 26.01 -21.41 -27.71
C LEU B 115 25.12 -21.12 -26.51
N VAL B 116 24.36 -20.03 -26.60
CA VAL B 116 23.46 -19.65 -25.52
C VAL B 116 22.01 -19.65 -25.99
N CYS B 117 21.12 -20.26 -25.20
CA CYS B 117 19.68 -20.25 -25.51
C CYS B 117 19.00 -19.45 -24.38
N SER B 118 18.57 -18.24 -24.69
CA SER B 118 17.89 -17.40 -23.69
C SER B 118 16.37 -17.49 -23.87
N VAL B 119 15.68 -17.83 -22.78
CA VAL B 119 14.23 -17.97 -22.74
C VAL B 119 13.75 -16.89 -21.78
N ASN B 120 12.98 -15.93 -22.29
CA ASN B 120 12.51 -14.82 -21.46
C ASN B 120 11.04 -14.46 -21.41
N GLY B 121 10.65 -13.84 -20.30
CA GLY B 121 9.30 -13.37 -20.10
C GLY B 121 8.16 -14.36 -20.00
N PHE B 122 8.45 -15.56 -19.52
CA PHE B 122 7.40 -16.56 -19.45
C PHE B 122 6.80 -16.72 -18.05
N TYR B 123 5.58 -17.24 -18.02
CA TYR B 123 4.89 -17.53 -16.78
C TYR B 123 3.88 -18.63 -17.10
N PRO B 124 3.79 -19.65 -16.23
CA PRO B 124 4.52 -19.86 -14.98
C PRO B 124 5.96 -20.37 -15.11
N GLY B 125 6.57 -20.67 -13.97
CA GLY B 125 7.94 -21.14 -13.92
C GLY B 125 8.22 -22.50 -14.53
N SER B 126 7.23 -23.39 -14.55
CA SER B 126 7.45 -24.73 -15.10
C SER B 126 7.82 -24.63 -16.56
N ILE B 127 9.04 -25.04 -16.89
CA ILE B 127 9.48 -24.98 -18.27
C ILE B 127 10.47 -26.10 -18.54
N GLU B 128 10.77 -26.35 -19.80
CA GLU B 128 11.71 -27.40 -20.15
C GLU B 128 12.47 -26.95 -21.39
N VAL B 129 13.78 -26.82 -21.24
CA VAL B 129 14.63 -26.38 -22.33
C VAL B 129 15.63 -27.49 -22.68
N ARG B 130 15.69 -27.86 -23.95
CA ARG B 130 16.61 -28.91 -24.37
C ARG B 130 17.42 -28.48 -25.58
N TRP B 131 18.66 -28.96 -25.65
CA TRP B 131 19.55 -28.67 -26.78
C TRP B 131 19.65 -29.91 -27.67
N PHE B 132 19.58 -29.69 -28.98
CA PHE B 132 19.70 -30.75 -29.95
C PHE B 132 20.81 -30.43 -30.95
N ARG B 133 21.55 -31.45 -31.36
CA ARG B 133 22.63 -31.30 -32.34
C ARG B 133 22.31 -32.33 -33.42
N ASN B 134 21.96 -31.85 -34.61
CA ASN B 134 21.60 -32.72 -35.71
C ASN B 134 20.53 -33.74 -35.32
N GLY B 135 19.45 -33.26 -34.72
CA GLY B 135 18.34 -34.15 -34.35
C GLY B 135 18.51 -34.98 -33.09
N GLN B 136 19.71 -34.96 -32.53
CA GLN B 136 19.99 -35.74 -31.34
C GLN B 136 20.09 -34.80 -30.13
N GLU B 137 19.59 -35.25 -28.99
CA GLU B 137 19.63 -34.43 -27.80
C GLU B 137 21.01 -34.42 -27.15
N GLU B 138 21.45 -33.22 -26.76
CA GLU B 138 22.76 -33.07 -26.12
C GLU B 138 22.62 -33.24 -24.62
N LYS B 139 23.49 -34.06 -24.04
CA LYS B 139 23.45 -34.31 -22.59
C LYS B 139 24.62 -33.62 -21.88
N THR B 140 25.82 -33.79 -22.44
CA THR B 140 27.02 -33.20 -21.87
C THR B 140 27.33 -31.82 -22.41
N GLY B 141 28.00 -31.02 -21.60
CA GLY B 141 28.37 -29.67 -21.99
C GLY B 141 27.19 -28.71 -21.98
N VAL B 142 26.19 -29.02 -21.17
CA VAL B 142 25.01 -28.20 -21.06
C VAL B 142 24.90 -27.61 -19.66
N VAL B 143 24.93 -26.28 -19.56
CA VAL B 143 24.82 -25.62 -18.26
C VAL B 143 23.64 -24.66 -18.26
N SER B 144 22.86 -24.73 -17.18
CA SER B 144 21.71 -23.87 -16.99
C SER B 144 21.92 -22.97 -15.79
N THR B 145 21.32 -21.80 -15.81
CA THR B 145 21.44 -20.82 -14.72
C THR B 145 20.29 -21.07 -13.75
N GLY B 146 19.34 -21.89 -14.17
CA GLY B 146 18.18 -22.17 -13.34
C GLY B 146 17.10 -21.15 -13.61
N LEU B 147 16.06 -21.17 -12.78
CA LEU B 147 14.95 -20.26 -12.93
C LEU B 147 15.23 -18.92 -12.23
N ILE B 148 15.06 -17.82 -12.95
CA ILE B 148 15.29 -16.49 -12.40
C ILE B 148 13.98 -15.70 -12.40
N GLN B 149 13.64 -15.13 -11.25
CA GLN B 149 12.42 -14.34 -11.10
C GLN B 149 12.72 -12.88 -11.41
N ASN B 150 11.87 -12.24 -12.22
CA ASN B 150 12.10 -10.83 -12.53
C ASN B 150 11.33 -9.91 -11.59
N GLY B 151 10.37 -10.47 -10.86
CA GLY B 151 9.59 -9.70 -9.92
C GLY B 151 8.36 -9.07 -10.51
N ASP B 152 8.17 -9.22 -11.82
CA ASP B 152 7.04 -8.63 -12.52
C ASP B 152 6.12 -9.73 -13.09
N TRP B 153 6.12 -10.88 -12.43
CA TRP B 153 5.32 -12.05 -12.82
C TRP B 153 5.79 -12.70 -14.13
N THR B 154 7.11 -12.72 -14.34
CA THR B 154 7.71 -13.35 -15.51
C THR B 154 9.02 -13.98 -15.06
N PHE B 155 9.44 -15.04 -15.74
CA PHE B 155 10.70 -15.69 -15.39
C PHE B 155 11.61 -15.65 -16.61
N GLN B 156 12.86 -16.01 -16.40
CA GLN B 156 13.83 -16.12 -17.48
C GLN B 156 14.84 -17.19 -17.10
N THR B 157 15.51 -17.73 -18.10
CA THR B 157 16.51 -18.74 -17.86
C THR B 157 17.43 -18.85 -19.07
N LEU B 158 18.71 -19.15 -18.83
CA LEU B 158 19.67 -19.31 -19.91
C LEU B 158 20.26 -20.71 -19.90
N VAL B 159 20.27 -21.36 -21.06
CA VAL B 159 20.83 -22.71 -21.16
C VAL B 159 21.93 -22.67 -22.21
N MET B 160 23.17 -22.88 -21.77
CA MET B 160 24.33 -22.85 -22.63
C MET B 160 24.81 -24.24 -23.03
N LEU B 161 25.37 -24.34 -24.24
CA LEU B 161 25.90 -25.58 -24.76
C LEU B 161 27.36 -25.42 -25.19
N GLU B 162 28.24 -26.24 -24.61
CA GLU B 162 29.66 -26.21 -24.94
C GLU B 162 29.75 -26.86 -26.32
N THR B 163 30.12 -26.06 -27.32
CA THR B 163 30.17 -26.52 -28.70
C THR B 163 31.50 -26.87 -29.35
N VAL B 164 31.57 -28.08 -29.88
CA VAL B 164 32.73 -28.57 -30.60
C VAL B 164 32.28 -28.44 -32.06
N PRO B 165 32.54 -27.26 -32.67
CA PRO B 165 32.20 -26.87 -34.04
C PRO B 165 32.28 -27.96 -35.11
N ARG B 166 31.76 -27.64 -36.29
CA ARG B 166 31.76 -28.54 -37.43
C ARG B 166 31.09 -27.89 -38.63
N SER B 167 31.33 -28.45 -39.80
CA SER B 167 30.78 -27.93 -41.03
C SER B 167 29.31 -28.28 -41.26
N GLY B 168 28.48 -27.24 -41.39
CA GLY B 168 27.07 -27.43 -41.66
C GLY B 168 26.15 -28.16 -40.68
N GLU B 169 26.53 -28.27 -39.41
CA GLU B 169 25.66 -28.95 -38.46
C GLU B 169 24.66 -27.96 -37.87
N VAL B 170 23.44 -28.42 -37.62
CA VAL B 170 22.40 -27.56 -37.07
C VAL B 170 22.14 -27.80 -35.59
N TYR B 171 22.00 -26.71 -34.85
CA TYR B 171 21.71 -26.77 -33.42
C TYR B 171 20.30 -26.30 -33.19
N THR B 172 19.55 -27.03 -32.38
CA THR B 172 18.18 -26.65 -32.11
C THR B 172 17.90 -26.50 -30.61
N CYS B 173 17.29 -25.37 -30.22
CA CYS B 173 16.92 -25.13 -28.82
C CYS B 173 15.42 -25.36 -28.80
N GLN B 174 14.98 -26.35 -28.05
CA GLN B 174 13.56 -26.69 -27.95
C GLN B 174 13.03 -26.33 -26.57
N VAL B 175 11.90 -25.64 -26.55
CA VAL B 175 11.31 -25.20 -25.29
C VAL B 175 9.89 -25.68 -25.12
N GLU B 176 9.62 -26.27 -23.96
CA GLU B 176 8.28 -26.75 -23.66
C GLU B 176 7.77 -25.94 -22.49
N HIS B 177 6.54 -25.44 -22.63
CA HIS B 177 5.94 -24.61 -21.61
C HIS B 177 4.42 -24.72 -21.70
N PRO B 178 3.72 -24.65 -20.55
CA PRO B 178 2.25 -24.74 -20.45
C PRO B 178 1.41 -23.78 -21.31
N SER B 179 2.00 -22.66 -21.72
CA SER B 179 1.26 -21.69 -22.53
C SER B 179 1.24 -22.09 -23.99
N LEU B 180 2.00 -23.12 -24.34
CA LEU B 180 2.09 -23.54 -25.72
C LEU B 180 1.36 -24.84 -26.04
N THR B 181 0.92 -24.95 -27.29
CA THR B 181 0.23 -26.14 -27.78
C THR B 181 1.27 -27.23 -28.08
N SER B 182 2.38 -26.82 -28.67
CA SER B 182 3.47 -27.72 -29.02
C SER B 182 4.80 -27.07 -28.66
N PRO B 183 5.89 -27.85 -28.60
CA PRO B 183 7.18 -27.27 -28.27
C PRO B 183 7.61 -26.16 -29.23
N LEU B 184 8.25 -25.14 -28.64
CA LEU B 184 8.74 -23.98 -29.37
C LEU B 184 10.18 -24.28 -29.81
N THR B 185 10.50 -23.96 -31.06
CA THR B 185 11.83 -24.28 -31.59
C THR B 185 12.57 -23.12 -32.26
N VAL B 186 13.89 -23.16 -32.18
CA VAL B 186 14.75 -22.17 -32.80
C VAL B 186 16.00 -22.90 -33.28
N GLU B 187 16.20 -22.91 -34.60
CA GLU B 187 17.34 -23.59 -35.18
C GLU B 187 18.40 -22.59 -35.58
N TRP B 188 19.65 -22.93 -35.27
CA TRP B 188 20.76 -22.07 -35.60
C TRP B 188 21.80 -22.89 -36.37
N ARG B 189 22.17 -22.44 -37.55
CA ARG B 189 23.17 -23.14 -38.35
C ARG B 189 24.36 -22.21 -38.52
N ALA B 190 25.57 -22.77 -38.47
CA ALA B 190 26.78 -21.96 -38.59
C ALA B 190 26.95 -21.47 -40.02
N SER C 2 -6.87 31.31 -8.21
CA SER C 2 -5.81 30.31 -8.30
C SER C 2 -6.36 28.99 -8.83
N GLN C 3 -7.62 28.67 -8.53
CA GLN C 3 -8.21 27.41 -9.03
C GLN C 3 -9.40 27.69 -9.94
N PRO C 4 -9.40 27.09 -11.15
CA PRO C 4 -10.50 27.29 -12.11
C PRO C 4 -11.82 26.74 -11.58
N ASP C 5 -12.82 27.61 -11.50
CA ASP C 5 -14.13 27.23 -11.00
C ASP C 5 -14.67 25.98 -11.68
N PRO C 6 -15.49 25.21 -10.94
CA PRO C 6 -16.08 23.98 -11.46
C PRO C 6 -16.71 24.19 -12.82
N LYS C 7 -16.46 23.27 -13.74
CA LYS C 7 -17.05 23.34 -15.06
C LYS C 7 -18.28 22.48 -14.90
N PRO C 8 -19.44 22.92 -15.42
CA PRO C 8 -20.61 22.04 -15.23
C PRO C 8 -20.25 20.63 -15.68
N ASP C 9 -20.82 19.64 -15.01
CA ASP C 9 -20.57 18.23 -15.33
C ASP C 9 -19.33 17.68 -14.62
N GLU C 10 -18.55 18.57 -14.02
CA GLU C 10 -17.36 18.17 -13.30
C GLU C 10 -17.75 17.97 -11.84
N LEU C 11 -18.96 18.41 -11.51
CA LEU C 11 -19.48 18.32 -10.16
C LEU C 11 -20.32 17.07 -9.92
N HIS C 12 -20.16 16.49 -8.74
CA HIS C 12 -20.94 15.31 -8.37
C HIS C 12 -22.42 15.68 -8.37
N LYS C 13 -23.27 14.75 -8.75
CA LYS C 13 -24.70 15.00 -8.78
C LYS C 13 -25.38 14.05 -7.78
N SER C 14 -26.11 14.62 -6.84
CA SER C 14 -26.78 13.83 -5.81
C SER C 14 -27.72 12.76 -6.38
N SER C 15 -28.33 13.02 -7.54
CA SER C 15 -29.23 12.05 -8.15
C SER C 15 -28.48 10.81 -8.61
N LYS C 16 -27.18 10.94 -8.84
CA LYS C 16 -26.35 9.82 -9.27
C LYS C 16 -25.86 9.02 -8.06
N PHE C 17 -26.17 9.51 -6.85
CA PHE C 17 -25.79 8.84 -5.62
C PHE C 17 -27.00 8.04 -5.18
N THR C 18 -26.81 6.75 -4.97
CA THR C 18 -27.93 5.90 -4.57
C THR C 18 -27.87 5.35 -3.16
N GLY C 19 -26.83 5.71 -2.42
CA GLY C 19 -26.71 5.24 -1.05
C GLY C 19 -27.47 6.15 -0.08
N LEU C 20 -27.19 5.99 1.21
CA LEU C 20 -27.85 6.82 2.23
C LEU C 20 -27.11 8.14 2.45
N MET C 21 -27.76 9.24 2.12
CA MET C 21 -27.16 10.55 2.28
C MET C 21 -26.89 10.82 3.77
N GLU C 22 -27.56 10.07 4.63
CA GLU C 22 -27.39 10.20 6.07
C GLU C 22 -25.91 10.06 6.47
N ASN C 23 -25.18 9.23 5.73
CA ASN C 23 -23.77 9.01 6.03
C ASN C 23 -22.93 10.25 5.78
N MET C 24 -23.45 11.15 4.94
CA MET C 24 -22.77 12.39 4.64
C MET C 24 -23.25 13.42 5.68
N LYS C 25 -24.56 13.43 5.90
CA LYS C 25 -25.15 14.35 6.85
C LYS C 25 -24.48 14.32 8.22
N VAL C 26 -24.29 13.14 8.79
CA VAL C 26 -23.66 13.02 10.11
C VAL C 26 -22.25 13.65 10.23
N LEU C 27 -21.52 13.81 9.14
CA LEU C 27 -20.21 14.42 9.23
C LEU C 27 -20.35 15.92 9.51
N TYR C 28 -21.47 16.50 9.08
CA TYR C 28 -21.70 17.92 9.28
C TYR C 28 -22.87 18.24 10.20
N ASP C 29 -23.14 17.33 11.13
CA ASP C 29 -24.20 17.51 12.11
C ASP C 29 -23.61 18.20 13.33
N ASP C 30 -24.21 18.00 14.49
CA ASP C 30 -23.75 18.63 15.72
C ASP C 30 -22.38 18.19 16.24
N ASN C 31 -22.12 16.89 16.24
CA ASN C 31 -20.84 16.40 16.73
C ASN C 31 -19.66 16.62 15.80
N HIS C 32 -18.54 17.01 16.37
CA HIS C 32 -17.31 17.25 15.64
C HIS C 32 -16.22 17.34 16.68
N VAL C 33 -14.98 17.27 16.25
CA VAL C 33 -13.87 17.33 17.17
C VAL C 33 -13.42 18.78 17.37
N SER C 34 -13.07 19.10 18.61
CA SER C 34 -12.61 20.43 18.99
C SER C 34 -11.88 20.35 20.32
N ALA C 35 -10.68 20.91 20.35
CA ALA C 35 -9.87 20.90 21.57
C ALA C 35 -8.96 22.12 21.51
N ILE C 36 -8.78 22.77 22.65
CA ILE C 36 -7.95 23.96 22.69
C ILE C 36 -6.65 23.69 23.44
N ASN C 37 -5.56 24.27 22.95
CA ASN C 37 -4.26 24.14 23.59
C ASN C 37 -3.91 22.71 24.05
N VAL C 38 -3.68 21.82 23.11
CA VAL C 38 -3.32 20.43 23.42
C VAL C 38 -2.07 19.99 22.66
N LYS C 39 -1.46 18.90 23.11
CA LYS C 39 -0.27 18.38 22.46
C LYS C 39 -0.42 16.88 22.21
N SER C 40 0.09 16.41 21.08
CA SER C 40 0.01 15.00 20.69
C SER C 40 0.67 14.12 21.73
N ILE C 41 0.08 12.96 21.99
CA ILE C 41 0.65 12.04 22.98
C ILE C 41 1.21 10.76 22.36
N ASP C 42 1.08 10.62 21.04
CA ASP C 42 1.58 9.42 20.34
C ASP C 42 1.36 9.46 18.82
N GLN C 43 1.79 8.42 18.12
CA GLN C 43 1.62 8.31 16.67
C GLN C 43 1.38 6.85 16.33
N PHE C 44 0.60 6.59 15.30
CA PHE C 44 0.35 5.21 14.88
C PHE C 44 1.29 4.99 13.71
N LEU C 45 1.11 5.79 12.68
CA LEU C 45 1.96 5.70 11.48
C LEU C 45 2.66 7.04 11.42
N TYR C 46 3.83 7.07 10.79
CA TYR C 46 4.65 8.28 10.71
C TYR C 46 4.03 9.57 10.16
N PHE C 47 2.85 9.49 9.56
CA PHE C 47 2.23 10.69 9.01
C PHE C 47 1.01 11.15 9.81
N ASP C 48 0.87 10.63 11.02
CA ASP C 48 -0.26 11.03 11.86
C ASP C 48 0.18 11.36 13.28
N LEU C 49 -0.76 11.92 14.02
CA LEU C 49 -0.52 12.29 15.40
C LEU C 49 -1.77 11.86 16.16
N ILE C 50 -1.57 11.34 17.37
CA ILE C 50 -2.69 10.93 18.18
C ILE C 50 -2.81 11.91 19.35
N TYR C 51 -4.03 12.37 19.61
CA TYR C 51 -4.30 13.30 20.70
C TYR C 51 -5.27 12.66 21.67
N SER C 52 -5.19 13.06 22.93
CA SER C 52 -6.11 12.51 23.92
C SER C 52 -7.18 13.56 24.22
N ILE C 53 -8.19 13.62 23.34
CA ILE C 53 -9.29 14.56 23.45
C ILE C 53 -10.53 13.76 23.84
N LYS C 54 -11.20 14.17 24.93
CA LYS C 54 -12.38 13.43 25.37
C LYS C 54 -13.72 14.03 24.95
N ASP C 55 -14.55 13.17 24.37
CA ASP C 55 -15.87 13.55 23.91
C ASP C 55 -16.78 13.83 25.09
N THR C 56 -16.80 15.09 25.51
CA THR C 56 -17.63 15.51 26.63
C THR C 56 -19.10 15.17 26.47
N LYS C 57 -19.70 15.65 25.37
CA LYS C 57 -21.12 15.42 25.10
C LYS C 57 -21.61 13.99 25.35
N LEU C 58 -21.48 13.13 24.35
CA LEU C 58 -21.95 11.75 24.48
C LEU C 58 -20.91 10.66 24.79
N GLY C 59 -19.71 11.08 25.18
CA GLY C 59 -18.64 10.16 25.53
C GLY C 59 -18.38 8.98 24.62
N ASN C 60 -18.08 9.26 23.35
CA ASN C 60 -17.82 8.18 22.40
C ASN C 60 -16.34 7.86 22.18
N TYR C 61 -15.46 8.83 22.46
CA TYR C 61 -14.03 8.61 22.27
C TYR C 61 -13.16 9.29 23.32
N ASP C 62 -11.98 8.72 23.54
CA ASP C 62 -11.02 9.26 24.50
C ASP C 62 -9.81 9.74 23.73
N ASN C 63 -9.55 9.09 22.60
CA ASN C 63 -8.42 9.41 21.76
C ASN C 63 -8.86 9.71 20.35
N VAL C 64 -8.06 10.52 19.67
CA VAL C 64 -8.34 10.92 18.30
C VAL C 64 -7.10 10.82 17.41
N ARG C 65 -7.24 10.16 16.26
CA ARG C 65 -6.15 10.03 15.30
C ARG C 65 -6.28 11.11 14.22
N VAL C 66 -5.25 11.92 14.06
CA VAL C 66 -5.25 12.99 13.06
C VAL C 66 -4.24 12.63 11.98
N GLU C 67 -4.71 12.45 10.75
CA GLU C 67 -3.82 12.11 9.64
C GLU C 67 -3.47 13.30 8.74
N PHE C 68 -2.21 13.35 8.30
CA PHE C 68 -1.77 14.43 7.44
C PHE C 68 -1.34 13.89 6.07
N LYS C 69 -1.29 14.79 5.09
CA LYS C 69 -0.91 14.43 3.72
C LYS C 69 0.47 13.81 3.64
N ASN C 70 1.35 14.21 4.56
CA ASN C 70 2.71 13.67 4.57
C ASN C 70 3.37 13.75 5.93
N LYS C 71 4.55 13.16 6.02
CA LYS C 71 5.32 13.13 7.25
C LYS C 71 5.71 14.53 7.73
N ASP C 72 6.01 15.43 6.80
CA ASP C 72 6.40 16.80 7.14
C ASP C 72 5.36 17.48 8.02
N LEU C 73 4.11 17.48 7.57
CA LEU C 73 3.01 18.09 8.31
C LEU C 73 2.96 17.57 9.74
N ALA C 74 3.10 16.25 9.89
CA ALA C 74 3.06 15.62 11.20
C ALA C 74 4.18 16.07 12.11
N ASP C 75 5.41 16.09 11.60
CA ASP C 75 6.56 16.51 12.40
C ASP C 75 6.45 17.97 12.85
N LYS C 76 5.88 18.81 11.99
CA LYS C 76 5.72 20.22 12.31
C LYS C 76 4.90 20.49 13.58
N TYR C 77 3.89 19.67 13.87
CA TYR C 77 3.04 19.89 15.05
C TYR C 77 3.17 18.84 16.15
N LYS C 78 4.00 17.82 15.95
CA LYS C 78 4.16 16.76 16.93
C LYS C 78 4.37 17.24 18.37
N ASP C 79 5.23 18.22 18.57
CA ASP C 79 5.51 18.71 19.92
C ASP C 79 5.00 20.10 20.22
N LYS C 80 4.12 20.64 19.38
CA LYS C 80 3.59 21.97 19.60
C LYS C 80 2.21 21.92 20.24
N TYR C 81 1.83 22.99 20.91
CA TYR C 81 0.49 23.06 21.50
C TYR C 81 -0.36 23.64 20.38
N VAL C 82 -1.43 22.94 20.06
CA VAL C 82 -2.27 23.35 18.95
C VAL C 82 -3.75 23.34 19.30
N ASP C 83 -4.55 23.91 18.41
CA ASP C 83 -6.00 23.91 18.57
C ASP C 83 -6.42 22.90 17.50
N VAL C 84 -7.37 22.03 17.83
CA VAL C 84 -7.82 21.02 16.89
C VAL C 84 -9.30 21.18 16.58
N PHE C 85 -9.65 21.11 15.29
CA PHE C 85 -11.05 21.26 14.88
C PHE C 85 -11.30 20.52 13.56
N GLY C 86 -12.26 19.60 13.55
CA GLY C 86 -12.54 18.88 12.32
C GLY C 86 -13.76 17.98 12.35
N ALA C 87 -14.14 17.46 11.18
CA ALA C 87 -15.27 16.55 11.06
C ALA C 87 -14.65 15.18 11.27
N ASN C 88 -15.22 14.37 12.15
CA ASN C 88 -14.67 13.05 12.43
C ASN C 88 -15.54 11.88 12.01
N TYR C 89 -14.91 10.71 11.91
CA TYR C 89 -15.62 9.50 11.51
C TYR C 89 -15.19 8.34 12.41
N TYR C 90 -15.99 7.29 12.47
CA TYR C 90 -15.67 6.13 13.30
C TYR C 90 -15.49 4.86 12.49
N TYR C 91 -16.35 4.67 11.50
CA TYR C 91 -16.25 3.50 10.64
C TYR C 91 -14.94 3.49 9.86
N GLN C 92 -14.15 2.44 10.05
CA GLN C 92 -12.85 2.30 9.37
C GLN C 92 -11.76 3.15 10.03
N CYS C 93 -11.97 3.51 11.29
CA CYS C 93 -11.02 4.29 12.05
C CYS C 93 -10.18 3.30 12.84
N TYR C 94 -8.91 3.17 12.48
CA TYR C 94 -8.04 2.22 13.16
C TYR C 94 -6.69 2.81 13.55
N PHE C 95 -6.20 2.40 14.71
CA PHE C 95 -4.90 2.80 15.21
C PHE C 95 -4.71 2.21 16.59
N SER C 96 -3.57 2.47 17.20
CA SER C 96 -3.29 1.97 18.55
C SER C 96 -2.19 2.85 19.13
N LYS C 97 -2.22 3.01 20.45
CA LYS C 97 -1.23 3.82 21.16
C LYS C 97 -0.13 2.96 21.80
N LYS C 98 0.09 3.14 23.09
CA LYS C 98 1.10 2.38 23.80
C LYS C 98 0.74 2.35 25.30
N ARG C 110 -13.53 3.87 23.17
CA ARG C 110 -13.30 3.80 21.74
C ARG C 110 -12.49 4.98 21.22
N LYS C 111 -12.39 5.08 19.91
CA LYS C 111 -11.61 6.13 19.28
C LYS C 111 -12.28 6.71 18.04
N THR C 112 -11.77 7.84 17.57
CA THR C 112 -12.31 8.48 16.39
C THR C 112 -11.15 8.96 15.55
N CYS C 113 -11.44 9.29 14.29
CA CYS C 113 -10.41 9.73 13.36
C CYS C 113 -10.79 10.98 12.57
N MET C 114 -9.79 11.67 12.02
CA MET C 114 -10.03 12.89 11.24
C MET C 114 -8.76 13.25 10.48
N TYR C 115 -8.83 14.30 9.65
CA TYR C 115 -7.69 14.75 8.85
C TYR C 115 -7.46 16.24 9.05
N GLY C 116 -6.19 16.64 9.19
CA GLY C 116 -5.84 18.04 9.38
C GLY C 116 -6.53 18.70 10.56
N GLY C 117 -7.03 19.92 10.36
CA GLY C 117 -7.71 20.67 11.41
C GLY C 117 -6.83 21.17 12.54
N VAL C 118 -5.53 21.23 12.29
CA VAL C 118 -4.58 21.65 13.33
C VAL C 118 -3.96 23.01 13.12
N THR C 119 -4.10 23.89 14.11
CA THR C 119 -3.51 25.21 14.05
C THR C 119 -2.70 25.44 15.31
N GLU C 120 -1.53 26.05 15.16
CA GLU C 120 -0.70 26.34 16.31
C GLU C 120 -1.44 27.31 17.21
N HIS C 121 -1.44 27.03 18.51
CA HIS C 121 -2.16 27.86 19.47
C HIS C 121 -1.63 29.29 19.66
N ASN C 122 -0.44 29.42 20.25
CA ASN C 122 0.16 30.71 20.54
C ASN C 122 0.19 31.73 19.42
N GLY C 123 -0.20 32.96 19.77
CA GLY C 123 -0.20 34.05 18.82
C GLY C 123 -1.27 33.93 17.76
N ASN C 124 -2.16 32.93 17.90
CA ASN C 124 -3.21 32.70 16.92
C ASN C 124 -4.59 33.03 17.49
N GLN C 125 -4.64 33.50 18.73
CA GLN C 125 -5.89 33.84 19.39
C GLN C 125 -6.34 35.28 19.19
N LEU C 126 -7.65 35.50 19.33
CA LEU C 126 -8.27 36.82 19.20
C LEU C 126 -9.11 37.03 20.45
N ASP C 127 -9.24 38.28 20.90
CA ASP C 127 -10.02 38.57 22.09
C ASP C 127 -11.50 38.41 21.86
N LYS C 128 -11.94 38.72 20.65
CA LYS C 128 -13.36 38.62 20.30
C LYS C 128 -13.51 37.81 19.02
N TYR C 129 -14.70 37.23 18.81
CA TYR C 129 -14.97 36.46 17.60
C TYR C 129 -15.12 37.33 16.37
N ARG C 130 -14.54 36.87 15.28
CA ARG C 130 -14.57 37.58 14.02
C ARG C 130 -15.66 36.91 13.18
N SER C 131 -16.30 37.68 12.29
CA SER C 131 -17.35 37.15 11.44
C SER C 131 -16.90 37.06 9.99
N ILE C 132 -17.13 35.90 9.39
CA ILE C 132 -16.79 35.64 8.00
C ILE C 132 -18.11 35.48 7.29
N THR C 133 -18.37 36.29 6.28
CA THR C 133 -19.65 36.20 5.63
C THR C 133 -19.73 35.11 4.53
N VAL C 134 -20.86 34.41 4.52
CA VAL C 134 -21.10 33.36 3.56
C VAL C 134 -22.29 33.81 2.70
N ARG C 135 -22.12 33.78 1.38
CA ARG C 135 -23.23 34.14 0.51
C ARG C 135 -23.64 32.87 -0.22
N VAL C 136 -24.90 32.48 -0.05
CA VAL C 136 -25.42 31.26 -0.65
C VAL C 136 -26.23 31.53 -1.91
N PHE C 137 -25.92 30.80 -2.99
CA PHE C 137 -26.63 30.96 -4.25
C PHE C 137 -27.34 29.66 -4.60
N GLU C 138 -28.64 29.77 -4.90
CA GLU C 138 -29.45 28.64 -5.28
C GLU C 138 -29.90 28.94 -6.69
N ASP C 139 -29.43 28.13 -7.64
CA ASP C 139 -29.76 28.33 -9.04
C ASP C 139 -29.34 29.73 -9.48
N GLY C 140 -28.21 30.20 -8.95
CA GLY C 140 -27.69 31.51 -9.32
C GLY C 140 -28.20 32.72 -8.56
N LYS C 141 -29.25 32.54 -7.76
CA LYS C 141 -29.83 33.64 -6.98
C LYS C 141 -29.36 33.63 -5.50
N ASN C 142 -28.97 34.79 -5.00
CA ASN C 142 -28.50 34.90 -3.61
C ASN C 142 -29.69 35.11 -2.66
N LEU C 143 -30.30 34.03 -2.20
CA LEU C 143 -31.43 34.13 -1.29
C LEU C 143 -31.06 34.13 0.20
N LEU C 144 -29.86 33.67 0.51
CA LEU C 144 -29.42 33.62 1.91
C LEU C 144 -27.96 33.99 2.10
N SER C 145 -27.70 34.75 3.14
CA SER C 145 -26.35 35.15 3.47
C SER C 145 -26.31 35.17 4.97
N PHE C 146 -25.29 34.55 5.55
CA PHE C 146 -25.13 34.52 7.00
C PHE C 146 -23.64 34.58 7.35
N ASP C 147 -23.33 34.63 8.63
CA ASP C 147 -21.94 34.69 9.08
C ASP C 147 -21.58 33.50 9.96
N VAL C 148 -20.32 33.11 9.89
CA VAL C 148 -19.84 32.02 10.73
C VAL C 148 -18.75 32.72 11.51
N GLN C 149 -18.47 32.24 12.71
CA GLN C 149 -17.49 32.86 13.58
C GLN C 149 -16.29 32.01 13.96
N THR C 150 -15.17 32.68 14.21
CA THR C 150 -13.93 32.03 14.61
C THR C 150 -13.09 33.04 15.38
N ASN C 151 -12.33 32.55 16.35
CA ASN C 151 -11.50 33.47 17.12
C ASN C 151 -10.04 33.14 16.86
N LYS C 152 -9.77 32.60 15.68
CA LYS C 152 -8.41 32.24 15.26
C LYS C 152 -7.99 33.18 14.14
N LYS C 153 -6.74 33.63 14.14
CA LYS C 153 -6.29 34.52 13.08
C LYS C 153 -6.18 33.65 11.82
N LYS C 154 -5.65 32.45 12.01
CA LYS C 154 -5.51 31.50 10.93
C LYS C 154 -6.38 30.29 11.22
N VAL C 155 -7.37 30.04 10.36
CA VAL C 155 -8.26 28.90 10.52
C VAL C 155 -8.17 27.96 9.33
N THR C 156 -8.35 26.68 9.60
CA THR C 156 -8.34 25.71 8.52
C THR C 156 -9.63 25.92 7.71
N ALA C 157 -9.57 25.62 6.42
CA ALA C 157 -10.74 25.72 5.57
C ALA C 157 -11.74 24.72 6.11
N GLN C 158 -11.22 23.62 6.66
CA GLN C 158 -12.07 22.58 7.23
C GLN C 158 -13.06 23.13 8.26
N GLU C 159 -12.55 23.86 9.26
CA GLU C 159 -13.42 24.41 10.29
C GLU C 159 -14.50 25.29 9.67
N LEU C 160 -14.11 26.11 8.69
CA LEU C 160 -15.06 27.01 8.05
C LEU C 160 -16.04 26.24 7.20
N ASP C 161 -15.56 25.17 6.56
CA ASP C 161 -16.41 24.34 5.73
C ASP C 161 -17.46 23.68 6.63
N TYR C 162 -17.01 23.17 7.78
CA TYR C 162 -17.91 22.49 8.71
C TYR C 162 -18.97 23.43 9.26
N LEU C 163 -18.54 24.62 9.70
CA LEU C 163 -19.48 25.59 10.25
C LEU C 163 -20.51 25.97 9.20
N THR C 164 -20.04 26.26 7.99
CA THR C 164 -20.92 26.65 6.89
C THR C 164 -21.91 25.55 6.53
N ARG C 165 -21.42 24.32 6.39
CA ARG C 165 -22.32 23.23 6.03
C ARG C 165 -23.30 22.89 7.14
N HIS C 166 -22.82 22.94 8.38
CA HIS C 166 -23.69 22.60 9.49
C HIS C 166 -24.88 23.54 9.53
N TYR C 167 -24.65 24.81 9.21
CA TYR C 167 -25.72 25.79 9.19
C TYR C 167 -26.71 25.44 8.09
N LEU C 168 -26.19 25.06 6.93
CA LEU C 168 -27.03 24.73 5.80
C LEU C 168 -27.85 23.45 5.99
N VAL C 169 -27.34 22.53 6.80
CA VAL C 169 -28.05 21.29 7.05
C VAL C 169 -29.29 21.63 7.86
N LYS C 170 -29.09 22.42 8.91
CA LYS C 170 -30.18 22.84 9.78
C LYS C 170 -31.21 23.73 9.08
N ASN C 171 -30.73 24.70 8.33
CA ASN C 171 -31.63 25.67 7.69
C ASN C 171 -32.04 25.48 6.23
N LYS C 172 -31.31 24.67 5.48
CA LYS C 172 -31.66 24.43 4.07
C LYS C 172 -31.78 22.93 3.74
N LYS C 173 -31.70 22.09 4.76
CA LYS C 173 -31.78 20.65 4.55
C LYS C 173 -30.74 20.23 3.50
N LEU C 174 -29.57 20.85 3.55
CA LEU C 174 -28.50 20.53 2.61
C LEU C 174 -28.42 19.01 2.38
N TYR C 175 -28.40 18.25 3.47
CA TYR C 175 -28.36 16.80 3.37
C TYR C 175 -29.50 16.25 4.22
N GLU C 176 -30.22 15.28 3.67
CA GLU C 176 -31.32 14.64 4.39
C GLU C 176 -30.95 13.19 4.61
N PHE C 177 -31.83 12.44 5.26
CA PHE C 177 -31.57 11.02 5.52
C PHE C 177 -31.35 10.19 4.23
N ASN C 178 -32.22 10.35 3.24
CA ASN C 178 -32.10 9.57 2.02
C ASN C 178 -31.24 10.25 0.98
N ASN C 179 -31.66 11.44 0.53
CA ASN C 179 -30.90 12.16 -0.48
C ASN C 179 -30.87 13.65 -0.13
N SER C 180 -30.75 14.50 -1.15
CA SER C 180 -30.69 15.93 -0.94
C SER C 180 -31.61 16.70 -1.89
N PRO C 181 -32.13 17.84 -1.43
CA PRO C 181 -33.01 18.64 -2.27
C PRO C 181 -32.20 19.32 -3.38
N TYR C 182 -30.88 19.19 -3.30
CA TYR C 182 -30.03 19.80 -4.31
C TYR C 182 -29.29 18.77 -5.16
N GLU C 183 -29.09 19.12 -6.43
CA GLU C 183 -28.41 18.24 -7.38
C GLU C 183 -26.89 18.41 -7.27
N THR C 184 -26.43 19.65 -7.32
CA THR C 184 -25.00 19.90 -7.20
C THR C 184 -24.76 20.99 -6.16
N GLY C 185 -23.54 21.04 -5.66
CA GLY C 185 -23.20 22.04 -4.66
C GLY C 185 -21.72 22.04 -4.41
N TYR C 186 -21.14 23.23 -4.36
CA TYR C 186 -19.71 23.36 -4.08
C TYR C 186 -19.47 24.61 -3.25
N ILE C 187 -18.47 24.55 -2.38
CA ILE C 187 -18.15 25.68 -1.52
C ILE C 187 -16.83 26.28 -1.97
N LYS C 188 -16.85 27.60 -2.20
CA LYS C 188 -15.69 28.33 -2.69
C LYS C 188 -15.13 29.33 -1.69
N PHE C 189 -13.83 29.27 -1.45
CA PHE C 189 -13.16 30.17 -0.53
C PHE C 189 -12.38 31.21 -1.28
N ILE C 190 -12.68 32.47 -1.05
CA ILE C 190 -11.96 33.55 -1.71
C ILE C 190 -11.14 34.34 -0.70
N GLU C 191 -9.85 34.45 -0.97
CA GLU C 191 -8.94 35.17 -0.08
C GLU C 191 -7.96 35.98 -0.92
N ASN C 192 -8.26 37.26 -1.10
CA ASN C 192 -7.41 38.15 -1.90
C ASN C 192 -7.35 37.68 -3.33
N GLU C 193 -8.50 37.70 -4.00
CA GLU C 193 -8.58 37.29 -5.40
C GLU C 193 -7.78 36.02 -5.69
N ASN C 194 -7.75 35.12 -4.69
CA ASN C 194 -7.07 33.83 -4.78
C ASN C 194 -8.11 32.85 -4.24
N SER C 195 -8.36 31.76 -4.94
CA SER C 195 -9.40 30.85 -4.47
C SER C 195 -9.30 29.38 -4.81
N PHE C 196 -10.13 28.61 -4.12
CA PHE C 196 -10.24 27.17 -4.29
C PHE C 196 -11.65 26.74 -3.87
N TRP C 197 -12.03 25.50 -4.17
CA TRP C 197 -13.37 25.05 -3.81
C TRP C 197 -13.46 23.56 -3.52
N TYR C 198 -14.57 23.15 -2.92
CA TYR C 198 -14.79 21.74 -2.60
C TYR C 198 -16.15 21.33 -3.09
N ASP C 199 -16.24 20.09 -3.56
CA ASP C 199 -17.50 19.53 -4.02
C ASP C 199 -18.19 19.03 -2.75
N MET C 200 -19.41 19.52 -2.50
CA MET C 200 -20.16 19.12 -1.30
C MET C 200 -21.00 17.84 -1.50
N MET C 201 -21.04 17.33 -2.72
CA MET C 201 -21.84 16.14 -2.99
C MET C 201 -21.05 14.85 -3.05
N PRO C 202 -21.67 13.73 -2.65
CA PRO C 202 -21.05 12.40 -2.65
C PRO C 202 -20.69 11.96 -4.06
N ALA C 203 -19.63 11.18 -4.19
CA ALA C 203 -19.24 10.65 -5.50
C ALA C 203 -20.34 9.67 -5.96
N PRO C 204 -20.52 9.51 -7.28
CA PRO C 204 -21.54 8.60 -7.81
C PRO C 204 -21.36 7.16 -7.31
N GLY C 205 -22.48 6.50 -7.05
CA GLY C 205 -22.42 5.14 -6.57
C GLY C 205 -23.49 4.81 -5.56
N ASP C 206 -23.39 3.64 -4.95
CA ASP C 206 -24.34 3.16 -3.97
C ASP C 206 -23.72 3.11 -2.59
N LYS C 207 -22.42 3.40 -2.53
CA LYS C 207 -21.72 3.40 -1.26
C LYS C 207 -21.00 4.74 -1.07
N PHE C 208 -20.95 5.21 0.17
CA PHE C 208 -20.27 6.46 0.46
C PHE C 208 -19.16 6.18 1.47
N ASP C 209 -17.93 6.50 1.10
CA ASP C 209 -16.79 6.29 1.99
C ASP C 209 -16.42 7.58 2.74
N GLN C 210 -16.89 7.73 3.96
CA GLN C 210 -16.62 8.92 4.76
C GLN C 210 -15.11 9.20 4.89
N SER C 211 -14.35 8.16 5.21
CA SER C 211 -12.92 8.28 5.36
C SER C 211 -12.24 8.84 4.13
N LYS C 212 -12.66 8.42 2.93
CA LYS C 212 -12.08 8.90 1.68
C LYS C 212 -12.55 10.31 1.33
N TYR C 213 -13.77 10.66 1.73
CA TYR C 213 -14.26 11.99 1.45
C TYR C 213 -13.50 13.03 2.30
N LEU C 214 -13.38 12.75 3.59
CA LEU C 214 -12.70 13.66 4.52
C LEU C 214 -11.22 13.84 4.25
N MET C 215 -10.63 12.86 3.55
CA MET C 215 -9.21 12.92 3.26
C MET C 215 -8.81 14.21 2.56
N MET C 216 -9.74 14.85 1.87
CA MET C 216 -9.42 16.09 1.17
C MET C 216 -8.94 17.17 2.14
N TYR C 217 -9.17 16.98 3.44
CA TYR C 217 -8.75 17.95 4.45
C TYR C 217 -7.33 17.67 4.98
N ASN C 218 -6.74 16.56 4.59
CA ASN C 218 -5.41 16.21 5.11
C ASN C 218 -4.26 17.11 4.71
N ASP C 219 -4.53 18.15 3.92
CA ASP C 219 -3.47 19.07 3.52
C ASP C 219 -3.35 20.16 4.58
N ASN C 220 -4.33 20.19 5.48
CA ASN C 220 -4.37 21.16 6.56
C ASN C 220 -4.32 22.60 6.04
N LYS C 221 -5.02 22.87 4.95
CA LYS C 221 -5.03 24.22 4.36
C LYS C 221 -5.59 25.25 5.32
N MET C 222 -4.92 26.39 5.41
CA MET C 222 -5.34 27.47 6.31
C MET C 222 -5.65 28.75 5.54
N VAL C 223 -6.49 29.60 6.12
CA VAL C 223 -6.80 30.89 5.52
C VAL C 223 -6.75 31.97 6.60
N ASP C 224 -6.72 33.22 6.16
CA ASP C 224 -6.69 34.36 7.08
C ASP C 224 -8.15 34.73 7.38
N SER C 225 -8.57 34.58 8.64
CA SER C 225 -9.94 34.89 9.03
C SER C 225 -10.36 36.32 8.70
N LYS C 226 -9.39 37.21 8.60
CA LYS C 226 -9.71 38.60 8.29
C LYS C 226 -9.95 38.83 6.81
N ASP C 227 -9.37 37.99 5.97
CA ASP C 227 -9.50 38.16 4.51
C ASP C 227 -10.50 37.26 3.79
N VAL C 228 -10.72 36.04 4.26
CA VAL C 228 -11.64 35.13 3.58
C VAL C 228 -13.09 35.54 3.43
N LYS C 229 -13.63 35.12 2.30
CA LYS C 229 -15.01 35.34 1.93
C LYS C 229 -15.46 33.92 1.52
N ILE C 230 -16.71 33.58 1.77
CA ILE C 230 -17.18 32.26 1.37
C ILE C 230 -18.44 32.35 0.51
N GLU C 231 -18.44 31.61 -0.59
CA GLU C 231 -19.58 31.55 -1.50
C GLU C 231 -19.94 30.08 -1.67
N VAL C 232 -21.24 29.78 -1.60
CA VAL C 232 -21.75 28.43 -1.73
C VAL C 232 -22.72 28.45 -2.90
N TYR C 233 -22.50 27.54 -3.85
CA TYR C 233 -23.32 27.45 -5.04
C TYR C 233 -24.12 26.16 -5.08
N LEU C 234 -25.43 26.29 -5.04
CA LEU C 234 -26.31 25.13 -5.06
C LEU C 234 -27.28 25.15 -6.24
N THR C 235 -27.54 23.99 -6.83
CA THR C 235 -28.48 23.89 -7.93
C THR C 235 -29.62 22.97 -7.49
N THR C 236 -30.84 23.34 -7.87
CA THR C 236 -32.02 22.57 -7.49
C THR C 236 -32.36 21.43 -8.44
N LYS C 237 -33.10 20.45 -7.93
CA LYS C 237 -33.53 19.30 -8.71
C LYS C 237 -34.99 19.46 -9.13
C ACE D 1 -13.09 -10.84 -2.77
O ACE D 1 -13.55 -11.89 -2.40
CH3 ACE D 1 -13.91 -9.92 -3.64
N ALC D 2 -11.84 -10.44 -2.48
CA ALC D 2 -10.89 -11.18 -1.66
C ALC D 2 -11.27 -10.89 -0.24
O ALC D 2 -11.77 -9.80 0.03
CB ALC D 2 -9.53 -10.58 -1.86
CG ALC D 2 -8.38 -11.20 -2.62
CD2 ALC D 2 -8.82 -12.41 -3.39
CE2 ALC D 2 -7.69 -13.01 -4.14
CZ ALC D 2 -7.16 -11.96 -5.12
CE1 ALC D 2 -6.66 -10.72 -4.40
CD1 ALC D 2 -7.77 -10.16 -3.56
N ARG D 3 -10.93 -11.77 0.69
CA ARG D 3 -11.27 -11.58 2.12
C ARG D 3 -9.97 -11.44 2.95
N MPQ D 4 -9.95 -10.63 3.98
CM MPQ D 4 -10.85 -9.49 3.96
CA MPQ D 4 -8.72 -10.56 4.70
CG MPQ D 4 -8.47 -9.21 5.27
CD1 MPQ D 4 -8.11 -8.18 4.47
CD2 MPQ D 4 -8.46 -9.02 6.63
CE1 MPQ D 4 -7.75 -6.99 5.01
CE2 MPQ D 4 -8.08 -7.84 7.15
CZ MPQ D 4 -7.73 -6.82 6.34
C MPQ D 4 -8.79 -11.50 5.86
O MPQ D 4 -9.87 -11.80 6.29
N MET D 5 -7.63 -11.99 6.35
CA MET D 5 -7.62 -12.80 7.57
C MET D 5 -7.11 -11.80 8.58
N ALA D 6 -7.69 -11.81 9.77
CA ALA D 6 -7.33 -10.88 10.82
C ALA D 6 -6.11 -11.30 11.63
N SER D 7 -5.24 -10.36 11.92
CA SER D 7 -4.06 -10.63 12.73
C SER D 7 -4.66 -10.63 14.11
N TBG D 8 -4.11 -11.37 15.06
CA TBG D 8 -4.70 -11.34 16.41
CB TBG D 8 -5.34 -12.74 16.77
CG1 TBG D 8 -5.94 -12.69 18.16
CG2 TBG D 8 -6.42 -13.06 15.80
CG3 TBG D 8 -4.31 -13.88 16.69
C TBG D 8 -3.81 -10.77 17.52
O TBG D 8 -2.61 -10.46 17.28
N NH2 D 9 -4.49 -10.18 18.51
#